data_1AC6
#
_entry.id   1AC6
#
_cell.length_a   72.430
_cell.length_b   64.820
_cell.length_c   45.540
_cell.angle_alpha   90.00
_cell.angle_beta   90.00
_cell.angle_gamma   90.00
#
_symmetry.space_group_name_H-M   'P 21 21 21'
#
loop_
_entity.id
_entity.type
_entity.pdbx_description
1 polymer 'T-CELL RECEPTOR ALPHA'
2 water water
#
_entity_poly.entity_id   1
_entity_poly.type   'polypeptide(L)'
_entity_poly.pdbx_seq_one_letter_code
;DSVTQTEGQVALSEEDFLTIHCNYSASGYPALFWYVQYPGEGPQFLFRASRDKEKGSSRGFEATYNKEATSFHLQKASVQ
ESDSAVYYCALSGGNNKLTFGAGTKLTIKP
;
_entity_poly.pdbx_strand_id   A,B
#
# COMPACT_ATOMS: atom_id res chain seq x y z
N ASP A 1 15.42 3.11 4.21
CA ASP A 1 15.19 1.98 3.26
C ASP A 1 14.43 2.57 2.09
N SER A 2 14.59 2.01 0.90
CA SER A 2 13.91 2.53 -0.28
C SER A 2 13.67 1.54 -1.41
N VAL A 3 12.66 1.82 -2.19
CA VAL A 3 12.30 0.99 -3.33
C VAL A 3 12.28 1.86 -4.59
N THR A 4 12.79 1.33 -5.72
CA THR A 4 12.78 2.03 -7.00
C THR A 4 12.44 1.02 -8.07
N GLN A 5 11.33 1.26 -8.75
CA GLN A 5 10.86 0.36 -9.81
C GLN A 5 10.65 1.09 -11.11
N THR A 6 10.37 0.33 -12.17
CA THR A 6 10.11 0.89 -13.48
C THR A 6 9.04 1.96 -13.36
N GLU A 7 9.38 3.22 -13.54
CA GLU A 7 8.35 4.24 -13.42
C GLU A 7 7.50 4.44 -14.67
N GLY A 8 6.33 5.03 -14.44
CA GLY A 8 5.42 5.28 -15.52
C GLY A 8 4.53 4.11 -15.91
N GLN A 9 4.59 3.80 -17.20
CA GLN A 9 3.77 2.79 -17.83
C GLN A 9 4.53 1.75 -18.66
N VAL A 10 3.89 0.58 -18.77
CA VAL A 10 4.38 -0.55 -19.53
C VAL A 10 3.11 -1.07 -20.21
N ALA A 11 3.01 -0.90 -21.52
CA ALA A 11 1.84 -1.36 -22.28
C ALA A 11 2.11 -2.62 -23.11
N LEU A 12 1.49 -3.73 -22.73
CA LEU A 12 1.67 -5.00 -23.43
C LEU A 12 0.38 -5.47 -24.08
N SER A 13 0.50 -6.53 -24.86
CA SER A 13 -0.63 -7.13 -25.53
C SER A 13 -0.81 -8.48 -24.81
N GLU A 14 -1.98 -9.11 -24.97
CA GLU A 14 -2.24 -10.40 -24.35
C GLU A 14 -1.17 -11.38 -24.81
N GLU A 15 -0.88 -12.37 -23.98
CA GLU A 15 0.12 -13.38 -24.28
C GLU A 15 1.57 -12.89 -24.22
N ASP A 16 1.76 -11.58 -24.02
CA ASP A 16 3.11 -11.01 -23.95
C ASP A 16 3.82 -11.42 -22.67
N PHE A 17 5.13 -11.18 -22.65
CA PHE A 17 5.98 -11.51 -21.50
C PHE A 17 6.17 -10.23 -20.70
N LEU A 18 5.92 -10.31 -19.41
CA LEU A 18 6.06 -9.15 -18.57
C LEU A 18 7.31 -9.19 -17.71
N THR A 19 7.95 -8.02 -17.56
CA THR A 19 9.13 -7.85 -16.74
C THR A 19 9.05 -6.44 -16.14
N ILE A 20 8.87 -6.34 -14.82
CA ILE A 20 8.83 -5.04 -14.13
C ILE A 20 10.01 -5.03 -13.19
N HIS A 21 10.84 -3.99 -13.29
CA HIS A 21 12.01 -3.90 -12.44
C HIS A 21 11.81 -3.25 -11.06
N CYS A 22 12.63 -3.70 -10.12
CA CYS A 22 12.63 -3.21 -8.77
C CYS A 22 13.97 -3.48 -8.11
N ASN A 23 14.58 -2.43 -7.59
CA ASN A 23 15.84 -2.53 -6.85
C ASN A 23 15.53 -1.91 -5.51
N TYR A 24 16.28 -2.29 -4.49
CA TYR A 24 16.00 -1.75 -3.17
C TYR A 24 17.25 -1.42 -2.34
N SER A 25 17.03 -0.81 -1.19
CA SER A 25 18.11 -0.48 -0.28
C SER A 25 17.58 -0.54 1.13
N ALA A 26 18.05 -1.53 1.87
CA ALA A 26 17.67 -1.72 3.24
C ALA A 26 18.80 -2.39 3.96
N SER A 27 18.89 -2.14 5.25
CA SER A 27 19.90 -2.77 6.05
C SER A 27 19.18 -3.95 6.69
N GLY A 28 19.95 -4.89 7.21
CA GLY A 28 19.38 -6.07 7.81
C GLY A 28 19.07 -7.08 6.72
N TYR A 29 18.05 -7.89 6.94
CA TYR A 29 17.63 -8.92 6.01
C TYR A 29 16.10 -8.77 5.78
N PRO A 30 15.68 -7.75 5.00
CA PRO A 30 14.26 -7.48 4.69
C PRO A 30 13.46 -8.54 3.94
N ALA A 31 12.14 -8.46 4.08
CA ALA A 31 11.27 -9.36 3.35
C ALA A 31 10.96 -8.52 2.09
N LEU A 32 10.65 -9.17 0.99
CA LEU A 32 10.33 -8.46 -0.24
C LEU A 32 8.93 -8.90 -0.70
N PHE A 33 8.13 -7.95 -1.19
CA PHE A 33 6.75 -8.20 -1.62
C PHE A 33 6.45 -7.64 -3.02
N TRP A 34 5.23 -7.94 -3.48
CA TRP A 34 4.68 -7.42 -4.73
C TRP A 34 3.20 -7.34 -4.39
N TYR A 35 2.60 -6.16 -4.60
CA TYR A 35 1.18 -5.95 -4.32
C TYR A 35 0.54 -5.46 -5.61
N VAL A 36 -0.73 -5.76 -5.80
CA VAL A 36 -1.43 -5.34 -7.00
C VAL A 36 -2.53 -4.38 -6.62
N GLN A 37 -2.80 -3.41 -7.48
CA GLN A 37 -3.84 -2.47 -7.19
C GLN A 37 -4.71 -2.26 -8.42
N TYR A 38 -5.75 -3.09 -8.53
CA TYR A 38 -6.71 -3.02 -9.63
C TYR A 38 -7.53 -1.75 -9.52
N PRO A 39 -8.01 -1.25 -10.66
CA PRO A 39 -8.78 0.00 -10.62
C PRO A 39 -9.98 0.03 -9.66
N GLY A 40 -9.95 1.01 -8.77
CA GLY A 40 -11.00 1.20 -7.78
C GLY A 40 -10.83 0.43 -6.49
N GLU A 41 -9.61 -0.01 -6.22
CA GLU A 41 -9.36 -0.76 -4.99
C GLU A 41 -8.08 -0.28 -4.38
N GLY A 42 -7.73 -0.91 -3.24
CA GLY A 42 -6.49 -0.61 -2.55
C GLY A 42 -5.46 -1.69 -2.90
N PRO A 43 -4.18 -1.51 -2.54
CA PRO A 43 -3.17 -2.52 -2.87
C PRO A 43 -3.53 -3.85 -2.23
N GLN A 44 -3.32 -4.95 -2.94
CA GLN A 44 -3.63 -6.24 -2.37
C GLN A 44 -2.42 -7.10 -2.55
N PHE A 45 -2.14 -7.88 -1.51
CA PHE A 45 -1.01 -8.79 -1.45
C PHE A 45 -0.91 -9.77 -2.60
N LEU A 46 0.23 -9.78 -3.28
CA LEU A 46 0.41 -10.69 -4.39
C LEU A 46 1.26 -11.91 -3.94
N PHE A 47 2.47 -11.65 -3.44
CA PHE A 47 3.36 -12.69 -2.92
C PHE A 47 4.50 -12.08 -2.11
N ARG A 48 5.25 -12.94 -1.39
CA ARG A 48 6.37 -12.52 -0.55
C ARG A 48 7.55 -13.47 -0.72
N ALA A 49 8.78 -12.97 -0.59
CA ALA A 49 10.01 -13.78 -0.66
C ALA A 49 10.76 -13.32 0.60
N SER A 50 11.12 -14.23 1.50
CA SER A 50 11.80 -13.81 2.73
C SER A 50 13.31 -14.02 2.75
N ARG A 51 13.76 -14.95 1.93
CA ARG A 51 15.18 -15.27 1.85
C ARG A 51 15.85 -14.99 0.51
N ASP A 52 17.15 -14.76 0.55
CA ASP A 52 17.94 -14.50 -0.64
C ASP A 52 17.85 -15.72 -1.53
N LYS A 53 17.43 -15.49 -2.77
CA LYS A 53 17.25 -16.53 -3.78
C LYS A 53 15.90 -17.20 -3.75
N GLU A 54 15.07 -16.83 -2.78
CA GLU A 54 13.74 -17.38 -2.70
C GLU A 54 12.90 -16.70 -3.79
N LYS A 55 12.18 -17.51 -4.55
CA LYS A 55 11.31 -17.02 -5.61
C LYS A 55 9.84 -17.02 -5.24
N GLY A 56 9.29 -15.84 -4.98
CA GLY A 56 7.88 -15.73 -4.67
C GLY A 56 7.07 -15.89 -5.95
N SER A 57 5.82 -16.31 -5.83
CA SER A 57 4.97 -16.44 -7.03
C SER A 57 3.51 -16.57 -6.68
N SER A 58 2.67 -15.98 -7.51
CA SER A 58 1.24 -16.05 -7.33
C SER A 58 0.57 -15.57 -8.61
N ARG A 59 -0.46 -16.32 -9.03
CA ARG A 59 -1.27 -16.00 -10.22
C ARG A 59 -0.44 -15.95 -11.49
N GLY A 60 0.62 -16.73 -11.52
CA GLY A 60 1.48 -16.75 -12.69
C GLY A 60 2.59 -15.72 -12.64
N PHE A 61 2.60 -14.94 -11.57
CA PHE A 61 3.61 -13.90 -11.34
C PHE A 61 4.67 -14.50 -10.43
N GLU A 62 5.90 -14.02 -10.55
CA GLU A 62 6.97 -14.51 -9.69
C GLU A 62 8.10 -13.53 -9.70
N ALA A 63 8.85 -13.55 -8.61
CA ALA A 63 9.99 -12.70 -8.48
C ALA A 63 11.01 -13.42 -7.60
N THR A 64 12.29 -13.28 -7.94
CA THR A 64 13.34 -13.90 -7.19
C THR A 64 14.11 -12.87 -6.38
N TYR A 65 14.23 -13.16 -5.08
CA TYR A 65 14.94 -12.33 -4.13
C TYR A 65 16.41 -12.43 -4.53
N ASN A 66 16.98 -11.37 -5.11
CA ASN A 66 18.40 -11.35 -5.53
C ASN A 66 19.13 -10.28 -4.69
N LYS A 67 19.97 -10.73 -3.77
CA LYS A 67 20.67 -9.81 -2.88
C LYS A 67 21.97 -9.23 -3.40
N GLU A 68 22.61 -9.91 -4.33
CA GLU A 68 23.87 -9.43 -4.91
C GLU A 68 23.59 -8.20 -5.79
N ALA A 69 22.46 -8.26 -6.49
CA ALA A 69 22.03 -7.19 -7.36
C ALA A 69 20.94 -6.33 -6.69
N THR A 70 20.63 -6.62 -5.42
CA THR A 70 19.55 -5.95 -4.65
C THR A 70 18.29 -5.65 -5.46
N SER A 71 17.82 -6.64 -6.23
CA SER A 71 16.63 -6.42 -7.02
C SER A 71 15.55 -7.49 -6.78
N PHE A 72 14.31 -7.17 -7.17
CA PHE A 72 13.15 -8.05 -7.01
C PHE A 72 12.21 -7.91 -8.24
N HIS A 73 12.73 -8.19 -9.44
CA HIS A 73 11.98 -8.04 -10.69
C HIS A 73 10.85 -9.02 -10.84
N LEU A 74 9.76 -8.50 -11.37
CA LEU A 74 8.54 -9.26 -11.59
C LEU A 74 8.46 -9.74 -13.02
N GLN A 75 7.99 -10.96 -13.20
CA GLN A 75 7.84 -11.50 -14.52
C GLN A 75 6.60 -12.37 -14.63
N LYS A 76 6.13 -12.48 -15.85
CA LYS A 76 4.98 -13.30 -16.15
C LYS A 76 5.17 -13.65 -17.60
N ALA A 77 5.23 -14.95 -17.87
CA ALA A 77 5.45 -15.46 -19.21
C ALA A 77 4.37 -15.05 -20.21
N SER A 78 3.13 -14.90 -19.76
CA SER A 78 2.05 -14.53 -20.66
C SER A 78 0.97 -13.69 -19.99
N VAL A 79 1.04 -12.38 -20.22
CA VAL A 79 0.09 -11.44 -19.63
C VAL A 79 -1.27 -11.37 -20.33
N GLN A 80 -2.32 -11.11 -19.56
CA GLN A 80 -3.68 -11.02 -20.11
C GLN A 80 -4.46 -9.80 -19.61
N GLU A 81 -5.47 -9.39 -20.36
CA GLU A 81 -6.31 -8.23 -20.08
C GLU A 81 -6.60 -7.92 -18.60
N SER A 82 -7.10 -8.92 -17.88
CA SER A 82 -7.40 -8.77 -16.47
C SER A 82 -6.19 -8.48 -15.59
N ASP A 83 -5.01 -8.33 -16.18
CA ASP A 83 -3.84 -8.01 -15.39
C ASP A 83 -3.59 -6.51 -15.42
N SER A 84 -4.41 -5.78 -16.18
CA SER A 84 -4.27 -4.33 -16.27
C SER A 84 -4.46 -3.79 -14.87
N ALA A 85 -3.39 -3.23 -14.30
CA ALA A 85 -3.42 -2.71 -12.94
C ALA A 85 -2.10 -2.01 -12.69
N VAL A 86 -1.92 -1.56 -11.46
CA VAL A 86 -0.70 -0.88 -11.01
C VAL A 86 -0.04 -1.84 -10.02
N TYR A 87 1.24 -2.15 -10.27
CA TYR A 87 2.03 -3.04 -9.42
C TYR A 87 3.04 -2.21 -8.64
N TYR A 88 3.17 -2.51 -7.35
CA TYR A 88 4.11 -1.82 -6.43
C TYR A 88 5.05 -2.86 -5.89
N CYS A 89 6.31 -2.49 -5.77
CA CYS A 89 7.30 -3.39 -5.20
C CYS A 89 7.43 -2.86 -3.81
N ALA A 90 7.59 -3.75 -2.84
CA ALA A 90 7.67 -3.33 -1.46
C ALA A 90 8.66 -4.15 -0.64
N LEU A 91 8.94 -3.69 0.58
CA LEU A 91 9.90 -4.32 1.49
C LEU A 91 9.48 -4.07 2.93
N SER A 92 9.72 -5.03 3.81
CA SER A 92 9.39 -4.89 5.22
C SER A 92 10.60 -5.26 6.01
N GLY A 93 11.09 -4.32 6.78
CA GLY A 93 12.24 -4.53 7.62
C GLY A 93 12.36 -3.26 8.41
N GLY A 94 13.60 -2.78 8.60
CA GLY A 94 13.84 -1.55 9.33
C GLY A 94 13.13 -1.53 10.67
N ASN A 95 11.86 -1.10 10.68
CA ASN A 95 11.11 -1.05 11.92
C ASN A 95 9.62 -1.41 11.81
N ASN A 96 9.31 -2.52 11.16
CA ASN A 96 7.93 -3.03 11.06
C ASN A 96 6.91 -2.37 10.09
N LYS A 97 7.33 -1.37 9.31
CA LYS A 97 6.42 -0.71 8.37
C LYS A 97 6.76 -1.08 6.92
N LEU A 98 5.75 -1.04 6.05
CA LEU A 98 5.94 -1.39 4.64
C LEU A 98 6.40 -0.22 3.78
N THR A 99 7.47 -0.42 3.03
CA THR A 99 8.00 0.62 2.15
C THR A 99 7.57 0.29 0.73
N PHE A 100 6.85 1.21 0.09
CA PHE A 100 6.36 0.99 -1.26
C PHE A 100 7.12 1.82 -2.28
N GLY A 101 7.10 1.34 -3.52
CA GLY A 101 7.74 2.02 -4.62
C GLY A 101 6.65 2.88 -5.22
N ALA A 102 6.91 3.50 -6.35
CA ALA A 102 5.92 4.39 -6.94
C ALA A 102 4.81 3.71 -7.70
N GLY A 103 5.06 2.47 -8.12
CA GLY A 103 4.07 1.76 -8.89
C GLY A 103 4.19 1.99 -10.40
N THR A 104 3.93 0.93 -11.14
CA THR A 104 4.01 0.95 -12.58
C THR A 104 2.62 0.58 -13.08
N LYS A 105 2.10 1.37 -14.00
CA LYS A 105 0.78 1.14 -14.57
C LYS A 105 0.96 0.18 -15.74
N LEU A 106 0.47 -1.05 -15.56
CA LEU A 106 0.55 -2.09 -16.57
C LEU A 106 -0.77 -2.14 -17.33
N THR A 107 -0.72 -1.73 -18.60
CA THR A 107 -1.89 -1.73 -19.41
C THR A 107 -1.75 -2.75 -20.55
N ILE A 108 -2.63 -3.76 -20.52
CA ILE A 108 -2.67 -4.87 -21.49
C ILE A 108 -3.79 -4.63 -22.51
N LYS A 109 -3.58 -5.03 -23.76
CA LYS A 109 -4.61 -4.85 -24.78
C LYS A 109 -4.88 -6.11 -25.62
N PRO A 110 -6.16 -6.36 -25.95
CA PRO A 110 -6.58 -7.51 -26.75
C PRO A 110 -6.47 -7.23 -28.27
N ASP B 1 -10.89 -11.18 7.22
CA ASP B 1 -10.29 -9.86 7.51
C ASP B 1 -10.57 -8.88 6.36
N SER B 2 -11.16 -7.74 6.70
CA SER B 2 -11.57 -6.70 5.76
C SER B 2 -11.50 -5.29 6.38
N VAL B 3 -11.22 -4.31 5.53
CA VAL B 3 -11.18 -2.93 5.95
C VAL B 3 -12.14 -2.18 5.00
N THR B 4 -12.96 -1.27 5.54
CA THR B 4 -13.89 -0.48 4.73
C THR B 4 -13.80 0.99 5.13
N GLN B 5 -13.56 1.88 4.17
CA GLN B 5 -13.46 3.28 4.53
C GLN B 5 -14.38 4.17 3.71
N THR B 6 -14.38 5.48 4.02
CA THR B 6 -15.21 6.49 3.35
C THR B 6 -15.08 6.45 1.84
N GLU B 7 -16.05 5.80 1.22
CA GLU B 7 -16.05 5.63 -0.23
C GLU B 7 -15.83 6.92 -1.02
N GLY B 8 -14.72 6.94 -1.75
CA GLY B 8 -14.44 8.04 -2.63
C GLY B 8 -13.62 9.24 -2.24
N GLN B 9 -14.17 10.38 -2.60
CA GLN B 9 -13.57 11.66 -2.40
C GLN B 9 -14.21 12.46 -1.26
N VAL B 10 -13.37 13.23 -0.57
CA VAL B 10 -13.77 14.11 0.52
C VAL B 10 -13.09 15.43 0.18
N ALA B 11 -13.88 16.45 -0.10
CA ALA B 11 -13.35 17.75 -0.45
C ALA B 11 -13.54 18.73 0.68
N LEU B 12 -12.52 19.55 0.92
CA LEU B 12 -12.54 20.52 1.98
C LEU B 12 -11.90 21.81 1.54
N SER B 13 -11.77 22.71 2.50
CA SER B 13 -11.15 24.01 2.34
C SER B 13 -10.17 24.07 3.50
N GLU B 14 -9.14 24.88 3.38
CA GLU B 14 -8.14 24.97 4.43
C GLU B 14 -8.71 25.26 5.81
N GLU B 15 -8.06 24.67 6.80
CA GLU B 15 -8.37 24.78 8.22
C GLU B 15 -9.60 24.07 8.79
N ASP B 16 -10.32 23.36 7.93
CA ASP B 16 -11.49 22.57 8.29
C ASP B 16 -11.08 21.34 9.12
N PHE B 17 -12.06 20.72 9.74
CA PHE B 17 -11.84 19.51 10.53
C PHE B 17 -12.13 18.36 9.57
N LEU B 18 -11.33 17.31 9.63
CA LEU B 18 -11.54 16.17 8.75
C LEU B 18 -11.77 14.90 9.55
N THR B 19 -12.48 13.97 8.94
CA THR B 19 -12.73 12.65 9.47
C THR B 19 -12.99 11.76 8.27
N ILE B 20 -12.13 10.77 8.12
CA ILE B 20 -12.29 9.78 7.07
C ILE B 20 -12.52 8.50 7.90
N HIS B 21 -13.67 7.87 7.70
CA HIS B 21 -14.00 6.68 8.43
C HIS B 21 -13.28 5.43 7.98
N CYS B 22 -13.03 4.55 8.95
CA CYS B 22 -12.44 3.23 8.69
C CYS B 22 -13.08 2.28 9.71
N ASN B 23 -13.66 1.20 9.21
CA ASN B 23 -14.28 0.22 10.07
C ASN B 23 -13.68 -1.06 9.60
N TYR B 24 -13.07 -1.79 10.51
CA TYR B 24 -12.44 -3.05 10.13
C TYR B 24 -13.19 -4.27 10.68
N SER B 25 -12.76 -5.45 10.26
CA SER B 25 -13.32 -6.69 10.77
C SER B 25 -12.26 -7.77 10.53
N ALA B 26 -11.66 -8.22 11.62
CA ALA B 26 -10.63 -9.22 11.55
C ALA B 26 -10.63 -10.04 12.84
N SER B 27 -10.12 -11.26 12.74
CA SER B 27 -10.03 -12.18 13.87
C SER B 27 -8.74 -11.87 14.63
N GLY B 28 -8.77 -12.09 15.94
CA GLY B 28 -7.59 -11.82 16.74
C GLY B 28 -7.48 -10.34 17.07
N TYR B 29 -6.26 -9.91 17.36
CA TYR B 29 -5.99 -8.51 17.69
C TYR B 29 -5.08 -7.97 16.60
N PRO B 30 -5.65 -7.28 15.59
CA PRO B 30 -4.83 -6.74 14.51
C PRO B 30 -4.24 -5.37 14.78
N ALA B 31 -3.21 -5.04 14.02
CA ALA B 31 -2.59 -3.73 14.12
C ALA B 31 -3.26 -2.88 13.05
N LEU B 32 -3.68 -1.68 13.40
CA LEU B 32 -4.33 -0.83 12.42
C LEU B 32 -3.37 0.22 11.96
N PHE B 33 -3.51 0.66 10.71
CA PHE B 33 -2.64 1.68 10.10
C PHE B 33 -3.38 2.59 9.16
N TRP B 34 -2.71 3.67 8.84
CA TRP B 34 -3.15 4.62 7.83
C TRP B 34 -1.85 4.91 7.06
N TYR B 35 -1.97 4.96 5.74
CA TYR B 35 -0.87 5.26 4.84
C TYR B 35 -1.38 6.42 4.00
N VAL B 36 -0.45 7.22 3.49
CA VAL B 36 -0.77 8.37 2.66
C VAL B 36 -0.04 8.17 1.34
N GLN B 37 -0.71 8.47 0.24
CA GLN B 37 -0.13 8.37 -1.09
C GLN B 37 -0.21 9.77 -1.72
N TYR B 38 0.86 10.56 -1.63
CA TYR B 38 0.89 11.91 -2.20
C TYR B 38 0.96 11.83 -3.74
N PRO B 39 0.48 12.86 -4.44
CA PRO B 39 0.53 12.83 -5.91
C PRO B 39 1.94 12.56 -6.47
N GLY B 40 2.01 11.62 -7.40
CA GLY B 40 3.28 11.24 -8.00
C GLY B 40 4.13 10.30 -7.16
N GLU B 41 3.55 9.69 -6.14
CA GLU B 41 4.31 8.81 -5.27
C GLU B 41 3.56 7.58 -4.84
N GLY B 42 4.29 6.68 -4.18
CA GLY B 42 3.73 5.45 -3.70
C GLY B 42 3.10 5.65 -2.33
N PRO B 43 2.35 4.66 -1.82
CA PRO B 43 1.73 4.84 -0.50
C PRO B 43 2.82 4.91 0.56
N GLN B 44 2.60 5.71 1.60
CA GLN B 44 3.58 5.78 2.67
C GLN B 44 2.99 5.68 4.07
N PHE B 45 3.76 5.07 4.94
CA PHE B 45 3.39 4.88 6.33
C PHE B 45 3.08 6.22 6.97
N LEU B 46 1.94 6.28 7.67
CA LEU B 46 1.56 7.49 8.39
C LEU B 46 1.69 7.20 9.89
N PHE B 47 1.07 6.12 10.35
CA PHE B 47 1.13 5.73 11.76
C PHE B 47 0.43 4.41 11.98
N ARG B 48 0.62 3.83 13.16
CA ARG B 48 0.05 2.53 13.53
C ARG B 48 -0.51 2.54 14.96
N ALA B 49 -1.33 1.56 15.28
CA ALA B 49 -1.91 1.44 16.61
C ALA B 49 -2.14 -0.03 16.89
N SER B 50 -1.41 -0.59 17.84
CA SER B 50 -1.55 -2.02 18.18
C SER B 50 -2.68 -2.48 19.13
N ARG B 51 -3.01 -1.72 20.17
CA ARG B 51 -4.09 -2.12 21.08
C ARG B 51 -5.20 -1.07 21.32
N ASP B 52 -6.34 -1.55 21.79
CA ASP B 52 -7.55 -0.76 22.08
C ASP B 52 -7.25 0.53 22.83
N LYS B 53 -7.88 1.60 22.35
CA LYS B 53 -7.75 2.96 22.89
C LYS B 53 -6.44 3.65 22.56
N GLU B 54 -5.53 2.92 21.92
CA GLU B 54 -4.27 3.52 21.55
C GLU B 54 -4.54 4.57 20.48
N LYS B 55 -3.74 5.62 20.47
CA LYS B 55 -3.96 6.70 19.53
C LYS B 55 -2.70 7.06 18.72
N GLY B 56 -2.73 6.79 17.41
CA GLY B 56 -1.58 7.11 16.60
C GLY B 56 -1.66 8.54 16.10
N SER B 57 -0.51 9.12 15.78
CA SER B 57 -0.45 10.47 15.26
C SER B 57 0.85 10.75 14.51
N SER B 58 0.75 11.70 13.58
CA SER B 58 1.84 12.11 12.70
C SER B 58 1.30 13.20 11.82
N ARG B 59 2.06 14.24 11.57
CA ARG B 59 1.67 15.35 10.73
C ARG B 59 0.30 15.96 11.07
N GLY B 60 -0.08 15.92 12.35
CA GLY B 60 -1.36 16.49 12.78
C GLY B 60 -2.60 15.65 12.54
N PHE B 61 -2.38 14.39 12.19
CA PHE B 61 -3.42 13.43 11.95
C PHE B 61 -3.47 12.51 13.15
N GLU B 62 -4.64 11.94 13.44
CA GLU B 62 -4.74 11.01 14.55
C GLU B 62 -5.95 10.13 14.42
N ALA B 63 -5.82 8.89 14.87
CA ALA B 63 -6.90 7.92 14.84
C ALA B 63 -6.88 7.12 16.15
N THR B 64 -8.06 6.94 16.73
CA THR B 64 -8.17 6.19 17.97
C THR B 64 -8.70 4.79 17.70
N TYR B 65 -7.88 3.83 18.12
CA TYR B 65 -8.18 2.42 18.02
C TYR B 65 -9.39 2.20 18.89
N ASN B 66 -10.50 1.81 18.29
CA ASN B 66 -11.75 1.53 18.99
C ASN B 66 -12.15 0.06 18.76
N LYS B 67 -11.74 -0.80 19.68
CA LYS B 67 -12.02 -2.24 19.60
C LYS B 67 -13.50 -2.63 19.61
N GLU B 68 -14.32 -1.88 20.34
CA GLU B 68 -15.74 -2.17 20.43
C GLU B 68 -16.51 -1.82 19.15
N ALA B 69 -16.33 -0.60 18.66
CA ALA B 69 -16.99 -0.18 17.42
C ALA B 69 -16.19 -0.68 16.22
N THR B 70 -15.00 -1.25 16.47
CA THR B 70 -14.06 -1.74 15.46
C THR B 70 -13.84 -0.66 14.43
N SER B 71 -13.37 0.49 14.87
CA SER B 71 -13.17 1.56 13.94
C SER B 71 -11.81 2.21 14.14
N PHE B 72 -11.36 2.93 13.13
CA PHE B 72 -10.06 3.58 13.18
C PHE B 72 -10.12 4.85 12.34
N HIS B 73 -11.04 5.73 12.71
CA HIS B 73 -11.28 6.97 11.98
C HIS B 73 -10.16 8.00 11.99
N LEU B 74 -9.78 8.47 10.81
CA LEU B 74 -8.72 9.45 10.69
C LEU B 74 -9.28 10.86 10.92
N GLN B 75 -8.57 11.68 11.68
CA GLN B 75 -9.03 13.02 11.98
C GLN B 75 -7.89 14.01 12.08
N LYS B 76 -8.16 15.22 11.60
CA LYS B 76 -7.23 16.34 11.64
C LYS B 76 -8.12 17.55 11.88
N ALA B 77 -7.81 18.32 12.92
CA ALA B 77 -8.54 19.50 13.32
C ALA B 77 -8.58 20.57 12.27
N SER B 78 -7.43 20.84 11.66
CA SER B 78 -7.33 21.85 10.62
C SER B 78 -6.50 21.40 9.42
N VAL B 79 -7.21 20.97 8.41
CA VAL B 79 -6.67 20.50 7.15
C VAL B 79 -5.91 21.62 6.39
N GLN B 80 -4.90 21.24 5.60
CA GLN B 80 -4.12 22.22 4.83
C GLN B 80 -3.92 21.76 3.40
N GLU B 81 -3.70 22.70 2.50
CA GLU B 81 -3.50 22.38 1.07
C GLU B 81 -2.46 21.28 0.75
N SER B 82 -1.39 21.22 1.53
CA SER B 82 -0.38 20.20 1.27
C SER B 82 -0.88 18.79 1.55
N ASP B 83 -1.98 18.71 2.29
CA ASP B 83 -2.59 17.43 2.68
C ASP B 83 -3.39 16.71 1.58
N SER B 84 -3.56 17.33 0.42
CA SER B 84 -4.27 16.67 -0.67
C SER B 84 -3.55 15.37 -1.06
N ALA B 85 -4.24 14.22 -0.87
CA ALA B 85 -3.69 12.90 -1.17
C ALA B 85 -4.76 11.83 -0.95
N VAL B 86 -4.40 10.59 -1.21
CA VAL B 86 -5.31 9.46 -0.99
C VAL B 86 -4.81 8.80 0.28
N TYR B 87 -5.73 8.51 1.20
CA TYR B 87 -5.42 7.90 2.50
C TYR B 87 -6.03 6.51 2.58
N TYR B 88 -5.21 5.52 2.91
CA TYR B 88 -5.69 4.15 3.01
C TYR B 88 -5.68 3.72 4.45
N CYS B 89 -6.57 2.78 4.78
CA CYS B 89 -6.64 2.23 6.11
C CYS B 89 -6.20 0.79 5.88
N ALA B 90 -5.26 0.35 6.71
CA ALA B 90 -4.71 -0.96 6.59
C ALA B 90 -4.91 -1.72 7.87
N LEU B 91 -4.68 -3.03 7.78
CA LEU B 91 -4.84 -3.92 8.90
C LEU B 91 -3.80 -5.03 8.73
N SER B 92 -3.18 -5.44 9.83
CA SER B 92 -2.19 -6.51 9.79
C SER B 92 -2.50 -7.43 10.94
N GLY B 93 -2.82 -8.68 10.63
CA GLY B 93 -3.11 -9.64 11.67
C GLY B 93 -1.80 -10.14 12.21
N GLY B 94 -1.58 -11.45 12.12
CA GLY B 94 -0.36 -12.07 12.61
C GLY B 94 0.90 -11.74 11.85
N ASN B 95 1.35 -10.49 11.95
CA ASN B 95 2.54 -10.03 11.27
C ASN B 95 2.42 -10.21 9.76
N ASN B 96 3.42 -9.70 9.04
CA ASN B 96 3.50 -9.82 7.59
C ASN B 96 2.54 -9.02 6.71
N LYS B 97 1.46 -9.70 6.31
CA LYS B 97 0.42 -9.21 5.41
C LYS B 97 -0.47 -8.06 5.88
N LEU B 98 -0.60 -7.05 5.01
CA LEU B 98 -1.43 -5.86 5.24
C LEU B 98 -2.61 -5.90 4.30
N THR B 99 -3.78 -5.62 4.83
CA THR B 99 -5.01 -5.61 4.05
C THR B 99 -5.42 -4.17 3.96
N PHE B 100 -5.65 -3.67 2.75
CA PHE B 100 -6.01 -2.28 2.47
C PHE B 100 -7.45 -1.93 2.14
N GLY B 101 -7.89 -0.77 2.60
CA GLY B 101 -9.20 -0.28 2.24
C GLY B 101 -9.00 0.25 0.82
N ALA B 102 -10.05 0.76 0.19
CA ALA B 102 -9.92 1.25 -1.18
C ALA B 102 -9.28 2.63 -1.32
N GLY B 103 -9.28 3.39 -0.23
CA GLY B 103 -8.68 4.71 -0.22
C GLY B 103 -9.67 5.84 -0.40
N THR B 104 -9.35 7.00 0.14
CA THR B 104 -10.21 8.17 0.04
C THR B 104 -9.38 9.35 -0.43
N LYS B 105 -9.84 10.02 -1.48
CA LYS B 105 -9.17 11.19 -2.04
C LYS B 105 -9.51 12.44 -1.22
N LEU B 106 -8.53 13.03 -0.55
CA LEU B 106 -8.74 14.25 0.24
C LEU B 106 -8.29 15.45 -0.63
N THR B 107 -9.22 16.35 -0.95
CA THR B 107 -8.93 17.51 -1.79
C THR B 107 -9.10 18.83 -1.04
N ILE B 108 -7.99 19.48 -0.70
CA ILE B 108 -8.03 20.76 0.03
C ILE B 108 -8.14 21.97 -0.91
N LYS B 109 -8.54 23.12 -0.37
CA LYS B 109 -8.69 24.34 -1.18
C LYS B 109 -8.00 25.51 -0.49
N PRO B 110 -7.44 26.44 -1.27
CA PRO B 110 -6.74 27.61 -0.72
C PRO B 110 -7.64 28.81 -0.45
#